data_3C7O
#
_entry.id   3C7O
#
_cell.length_a   67.990
_cell.length_b   73.080
_cell.length_c   105.690
_cell.angle_alpha   90.00
_cell.angle_beta   90.00
_cell.angle_gamma   90.00
#
_symmetry.space_group_name_H-M   'P 21 21 21'
#
loop_
_entity.id
_entity.type
_entity.pdbx_description
1 polymer Endo-1,4-beta-xylanase
2 branched beta-D-glucopyranose-(1-4)-beta-D-glucopyranose-(1-4)-beta-D-glucopyranose-(1-4)-beta-D-glucopyranose
3 non-polymer 'CALCIUM ION'
4 non-polymer 'SODIUM ION'
5 non-polymer GLYCEROL
6 non-polymer 'FORMIC ACID'
7 water water
#
_entity_poly.entity_id   1
_entity_poly.type   'polypeptide(L)'
_entity_poly.pdbx_seq_one_letter_code
;ATSTTIAKHIGNSNPLIDHHLGADPVALTYNGRVYIYMSSDDYEYNSNGTIKDNSFANLNRVFVISSADMVNWTDHGAIP
VAGANGANGGRGIAKWAGASWAPSIAVKKINGKDKFFLYFANSGGGIGVLTADSPIGPWTDPIGKPLVTPSTPGMSGVVW
LFDPAVFVDDDGTGYLYAGGGVPGVSNPTQGQWANPKTARVIKLGPDMTSVVGSASTIDAPFMFEDSGLHKYNGTYYYSY
CINFGGTHPADKPPGEIGYMTSSSPMGPFTYRGHFLKNPGAFFGGGGNNHHAVFNFKNEWYVVYHAQTVSSALFGAGKGY
RSPHINKLVHNADGSIQEVAANYAGVTQISNLNPYNRVEAETFAWNGRILTEKSTAPGGPVNNQHVTSIQNGDWIAVGNA
DFGAGGARSFKANVASTLGGKIEVRLDSADGKLVGTLNVPSTGGAQTWREIETAVSGATGVHKVFFVFTGTGTGNLFNFD
YWQFTQR
;
_entity_poly.pdbx_strand_id   A
#
loop_
_chem_comp.id
_chem_comp.type
_chem_comp.name
_chem_comp.formula
BGC D-saccharide, beta linking beta-D-glucopyranose 'C6 H12 O6'
CA non-polymer 'CALCIUM ION' 'Ca 2'
FMT non-polymer 'FORMIC ACID' 'C H2 O2'
GOL non-polymer GLYCEROL 'C3 H8 O3'
NA non-polymer 'SODIUM ION' 'Na 1'
#
# COMPACT_ATOMS: atom_id res chain seq x y z
N ALA A 1 -22.62 10.70 -9.35
CA ALA A 1 -21.95 12.04 -9.34
C ALA A 1 -20.47 11.93 -8.95
N THR A 2 -19.82 13.06 -8.65
CA THR A 2 -18.37 13.11 -8.46
C THR A 2 -17.71 14.46 -8.01
N SER A 3 -17.87 14.92 -6.78
CA SER A 3 -19.01 14.72 -5.87
C SER A 3 -19.18 13.45 -5.01
N THR A 4 -19.30 12.23 -5.56
CA THR A 4 -19.49 11.04 -4.67
C THR A 4 -18.23 10.15 -4.50
N THR A 5 -18.13 9.50 -3.34
CA THR A 5 -17.02 8.57 -3.08
C THR A 5 -17.18 7.31 -3.95
N ILE A 6 -16.05 6.83 -4.45
CA ILE A 6 -16.06 5.61 -5.28
C ILE A 6 -16.35 4.35 -4.44
N ALA A 7 -15.57 4.11 -3.38
CA ALA A 7 -15.66 2.86 -2.64
C ALA A 7 -15.35 3.06 -1.17
N LYS A 8 -14.49 4.06 -0.91
CA LYS A 8 -14.20 4.37 0.48
C LYS A 8 -14.97 5.55 1.08
N HIS A 9 -15.99 5.31 1.90
CA HIS A 9 -17.23 6.07 1.89
C HIS A 9 -16.98 6.79 3.21
N ILE A 10 -17.49 8.02 3.38
CA ILE A 10 -17.17 8.83 4.56
C ILE A 10 -17.52 8.04 5.82
N GLY A 11 -16.57 8.00 6.75
CA GLY A 11 -16.70 7.25 8.01
C GLY A 11 -16.18 5.80 7.98
N ASN A 12 -15.85 5.29 6.80
CA ASN A 12 -15.26 3.95 6.64
C ASN A 12 -13.76 4.07 6.40
N SER A 13 -13.01 3.03 6.78
CA SER A 13 -11.55 3.03 6.61
C SER A 13 -11.01 2.11 5.52
N ASN A 14 -11.88 1.30 4.90
CA ASN A 14 -11.50 0.45 3.75
C ASN A 14 -12.33 0.78 2.52
N PRO A 15 -11.75 0.68 1.31
CA PRO A 15 -10.32 0.47 1.11
C PRO A 15 -9.56 1.72 1.59
N LEU A 16 -8.25 1.60 1.75
CA LEU A 16 -7.47 2.66 2.35
C LEU A 16 -7.53 3.93 1.51
N ILE A 17 -7.46 3.73 0.20
CA ILE A 17 -7.55 4.79 -0.77
C ILE A 17 -8.48 4.33 -1.89
N ASP A 18 -9.08 5.28 -2.61
CA ASP A 18 -9.90 4.92 -3.78
C ASP A 18 -9.71 5.85 -4.96
N HIS A 19 -8.74 6.76 -4.87
CA HIS A 19 -8.42 7.64 -6.01
C HIS A 19 -7.42 6.99 -6.99
N HIS A 20 -6.91 5.80 -6.64
CA HIS A 20 -6.25 4.87 -7.59
C HIS A 20 -5.96 3.61 -6.78
N LEU A 21 -5.25 2.64 -7.35
CA LEU A 21 -5.54 1.21 -7.18
C LEU A 21 -4.22 0.91 -6.39
N GLY A 22 -4.04 -0.31 -5.91
CA GLY A 22 -2.84 -0.67 -5.17
C GLY A 22 -2.95 -2.13 -4.77
N ALA A 23 -2.15 -2.98 -5.38
CA ALA A 23 -2.20 -4.44 -5.12
C ALA A 23 -1.03 -4.91 -4.25
N ASP A 24 -1.11 -6.18 -3.82
CA ASP A 24 -0.02 -6.85 -3.12
C ASP A 24 0.62 -6.01 -2.02
N PRO A 25 -0.18 -5.52 -1.07
CA PRO A 25 0.36 -4.59 -0.07
C PRO A 25 1.32 -5.21 0.93
N VAL A 26 2.29 -4.40 1.36
CA VAL A 26 3.16 -4.80 2.47
C VAL A 26 3.26 -3.57 3.38
N ALA A 27 3.57 -3.79 4.65
CA ALA A 27 3.67 -2.70 5.62
C ALA A 27 5.06 -2.55 6.26
N LEU A 28 5.46 -1.30 6.45
CA LEU A 28 6.63 -0.95 7.26
C LEU A 28 6.12 -0.04 8.36
N THR A 29 6.43 -0.37 9.61
CA THR A 29 6.10 0.52 10.72
C THR A 29 7.39 1.24 11.09
N TYR A 30 7.35 2.56 11.11
CA TYR A 30 8.59 3.32 11.28
C TYR A 30 8.35 4.67 11.91
N ASN A 31 8.84 4.80 13.14
CA ASN A 31 8.83 6.05 13.90
C ASN A 31 7.46 6.76 13.88
N GLY A 32 6.43 6.01 14.24
CA GLY A 32 5.06 6.56 14.41
C GLY A 32 4.18 6.61 13.16
N ARG A 33 4.66 6.06 12.05
CA ARG A 33 3.84 5.96 10.83
C ARG A 33 3.90 4.55 10.31
N VAL A 34 2.83 4.14 9.65
CA VAL A 34 2.85 2.90 8.86
C VAL A 34 2.87 3.29 7.38
N TYR A 35 3.82 2.71 6.65
CA TYR A 35 3.95 2.92 5.21
C TYR A 35 3.46 1.64 4.51
N ILE A 36 2.59 1.78 3.52
CA ILE A 36 2.11 0.64 2.75
C ILE A 36 2.66 0.74 1.32
N TYR A 37 3.35 -0.31 0.86
CA TYR A 37 3.95 -0.37 -0.46
C TYR A 37 3.17 -1.38 -1.29
N MET A 38 2.92 -1.03 -2.56
CA MET A 38 1.97 -1.77 -3.37
C MET A 38 2.42 -1.94 -4.81
N SER A 39 2.09 -3.09 -5.39
CA SER A 39 2.15 -3.26 -6.84
C SER A 39 1.29 -2.19 -7.55
N SER A 40 1.77 -1.67 -8.67
CA SER A 40 1.11 -0.55 -9.32
C SER A 40 -0.05 -0.97 -10.25
N ASP A 41 -1.12 -1.56 -9.68
CA ASP A 41 -2.29 -1.93 -10.50
C ASP A 41 -2.81 -0.66 -11.23
N ASP A 42 -3.21 -0.82 -12.48
CA ASP A 42 -3.56 0.29 -13.37
C ASP A 42 -4.36 -0.37 -14.51
N TYR A 43 -5.51 0.20 -14.86
CA TYR A 43 -6.41 -0.46 -15.84
C TYR A 43 -5.77 -0.68 -17.20
N GLU A 44 -6.02 -1.87 -17.77
CA GLU A 44 -5.66 -2.19 -19.13
C GLU A 44 -6.95 -2.20 -19.94
N TYR A 45 -6.85 -1.79 -21.21
CA TYR A 45 -8.03 -1.69 -22.06
C TYR A 45 -7.85 -2.41 -23.38
N ASN A 46 -8.97 -2.85 -23.96
CA ASN A 46 -8.98 -3.27 -25.36
C ASN A 46 -8.76 -2.06 -26.25
N SER A 47 -8.43 -2.27 -27.53
CA SER A 47 -8.15 -1.14 -28.41
C SER A 47 -9.37 -0.21 -28.56
N ASN A 48 -10.57 -0.75 -28.35
CA ASN A 48 -11.78 0.07 -28.42
C ASN A 48 -12.10 0.82 -27.13
N GLY A 49 -11.20 0.78 -26.15
CA GLY A 49 -11.35 1.56 -24.94
C GLY A 49 -12.23 0.90 -23.88
N THR A 50 -12.59 -0.36 -24.09
CA THR A 50 -13.32 -1.12 -23.04
C THR A 50 -12.32 -1.80 -22.10
N ILE A 51 -12.67 -1.84 -20.83
CA ILE A 51 -11.84 -2.47 -19.81
C ILE A 51 -11.60 -3.96 -20.17
N LYS A 52 -10.40 -4.45 -19.87
CA LYS A 52 -10.12 -5.89 -19.96
C LYS A 52 -9.46 -6.37 -18.68
N ASP A 53 -9.38 -7.69 -18.52
CA ASP A 53 -8.82 -8.24 -17.28
C ASP A 53 -7.36 -7.82 -17.08
N ASN A 54 -7.01 -7.61 -15.81
CA ASN A 54 -5.65 -7.30 -15.43
C ASN A 54 -4.75 -8.44 -15.89
N SER A 55 -3.70 -8.11 -16.65
CA SER A 55 -2.71 -9.08 -17.08
C SER A 55 -1.35 -8.76 -16.45
N PHE A 56 -1.35 -7.82 -15.49
CA PHE A 56 -0.13 -7.34 -14.80
C PHE A 56 0.83 -6.53 -15.70
N ALA A 57 0.36 -6.11 -16.87
CA ALA A 57 1.18 -5.33 -17.82
C ALA A 57 1.71 -4.01 -17.23
N ASN A 58 0.98 -3.45 -16.27
CA ASN A 58 1.36 -2.16 -15.69
C ASN A 58 2.13 -2.25 -14.39
N LEU A 59 2.52 -3.48 -14.01
CA LEU A 59 3.16 -3.68 -12.71
C LEU A 59 4.66 -3.44 -12.76
N ASN A 60 5.02 -2.17 -12.94
CA ASN A 60 6.40 -1.73 -13.15
C ASN A 60 6.81 -0.58 -12.23
N ARG A 61 5.94 -0.23 -11.30
CA ARG A 61 6.20 0.77 -10.27
C ARG A 61 5.79 0.23 -8.91
N VAL A 62 6.14 0.95 -7.86
CA VAL A 62 5.65 0.63 -6.53
C VAL A 62 4.99 1.89 -5.99
N PHE A 63 3.72 1.78 -5.62
CA PHE A 63 2.96 2.90 -5.06
C PHE A 63 3.18 2.91 -3.56
N VAL A 64 3.30 4.08 -2.95
CA VAL A 64 3.55 4.13 -1.50
C VAL A 64 2.61 5.14 -0.84
N ILE A 65 1.95 4.73 0.24
CA ILE A 65 1.13 5.66 1.03
C ILE A 65 1.56 5.49 2.49
N SER A 66 1.23 6.46 3.32
CA SER A 66 1.52 6.34 4.75
C SER A 66 0.50 7.02 5.64
N SER A 67 0.44 6.60 6.91
CA SER A 67 -0.52 7.13 7.87
C SER A 67 0.04 7.07 9.30
N ALA A 68 -0.30 8.06 10.11
CA ALA A 68 -0.09 7.96 11.56
C ALA A 68 -1.33 7.49 12.31
N ASP A 69 -2.48 7.38 11.64
CA ASP A 69 -3.74 7.19 12.34
C ASP A 69 -4.70 6.17 11.72
N MET A 70 -4.34 5.57 10.59
CA MET A 70 -5.10 4.45 9.95
C MET A 70 -6.29 4.90 9.08
N VAL A 71 -6.51 6.22 9.02
CA VAL A 71 -7.68 6.79 8.33
C VAL A 71 -7.25 7.84 7.29
N ASN A 72 -6.38 8.77 7.69
CA ASN A 72 -5.82 9.76 6.79
C ASN A 72 -4.55 9.20 6.15
N TRP A 73 -4.49 9.14 4.82
CA TRP A 73 -3.32 8.55 4.14
C TRP A 73 -2.65 9.59 3.29
N THR A 74 -1.33 9.70 3.45
CA THR A 74 -0.50 10.57 2.63
C THR A 74 -0.09 9.77 1.40
N ASP A 75 -0.37 10.32 0.23
CA ASP A 75 0.07 9.72 -1.00
C ASP A 75 1.50 10.16 -1.34
N HIS A 76 2.43 9.19 -1.37
CA HIS A 76 3.85 9.44 -1.65
C HIS A 76 4.19 9.12 -3.10
N GLY A 77 3.17 8.83 -3.90
CA GLY A 77 3.36 8.64 -5.34
C GLY A 77 3.95 7.30 -5.69
N ALA A 78 4.69 7.26 -6.80
CA ALA A 78 5.17 5.98 -7.35
C ALA A 78 6.69 5.94 -7.39
N ILE A 79 7.27 4.81 -7.04
CA ILE A 79 8.70 4.57 -7.22
C ILE A 79 8.84 3.86 -8.56
N PRO A 80 9.62 4.43 -9.51
CA PRO A 80 9.75 3.84 -10.83
C PRO A 80 10.75 2.67 -10.80
N VAL A 81 10.35 1.56 -10.18
CA VAL A 81 11.30 0.48 -9.92
C VAL A 81 11.85 -0.14 -11.21
N ALA A 82 10.97 -0.55 -12.10
CA ALA A 82 11.37 -1.28 -13.30
C ALA A 82 12.00 -0.35 -14.31
N GLY A 83 13.15 -0.76 -14.86
CA GLY A 83 13.85 0.07 -15.84
C GLY A 83 14.19 -0.56 -17.17
N ALA A 84 13.88 -1.85 -17.33
CA ALA A 84 14.09 -2.54 -18.60
C ALA A 84 12.94 -2.27 -19.59
N ASN A 85 13.23 -2.44 -20.87
CA ASN A 85 12.23 -2.29 -21.94
C ASN A 85 11.70 -0.86 -22.04
N GLY A 86 12.56 0.10 -21.73
CA GLY A 86 12.19 1.52 -21.67
C GLY A 86 11.16 1.88 -20.61
N ALA A 87 10.81 0.91 -19.76
CA ALA A 87 9.83 1.11 -18.69
C ALA A 87 10.09 2.37 -17.90
N ASN A 88 9.02 3.08 -17.55
CA ASN A 88 9.12 4.29 -16.76
C ASN A 88 9.86 5.43 -17.47
N GLY A 89 9.78 5.41 -18.80
CA GLY A 89 10.28 6.49 -19.64
C GLY A 89 11.77 6.76 -19.51
N GLY A 90 12.54 5.70 -19.30
CA GLY A 90 13.98 5.83 -19.13
C GLY A 90 14.42 6.22 -17.74
N ARG A 91 13.48 6.39 -16.80
CA ARG A 91 13.85 6.82 -15.46
C ARG A 91 13.70 5.71 -14.40
N GLY A 92 13.43 4.49 -14.86
CA GLY A 92 13.36 3.33 -13.96
C GLY A 92 14.68 3.05 -13.29
N ILE A 93 14.63 2.48 -12.09
CA ILE A 93 15.80 2.36 -11.23
C ILE A 93 16.57 1.06 -11.46
N ALA A 94 15.83 -0.04 -11.53
CA ALA A 94 16.41 -1.36 -11.75
C ALA A 94 16.42 -1.63 -13.23
N LYS A 95 17.53 -1.30 -13.87
CA LYS A 95 17.60 -1.35 -15.33
C LYS A 95 17.46 -2.76 -15.91
N TRP A 96 17.69 -3.76 -15.08
CA TRP A 96 17.63 -5.16 -15.50
C TRP A 96 16.20 -5.73 -15.41
N ALA A 97 15.31 -5.01 -14.73
CA ALA A 97 13.97 -5.54 -14.38
C ALA A 97 12.86 -4.92 -15.22
N GLY A 98 12.04 -5.78 -15.82
CA GLY A 98 10.93 -5.35 -16.65
C GLY A 98 9.65 -5.21 -15.81
N ALA A 99 9.71 -5.66 -14.56
CA ALA A 99 8.53 -5.67 -13.68
C ALA A 99 8.95 -5.52 -12.22
N SER A 100 8.03 -5.07 -11.37
CA SER A 100 8.34 -4.94 -9.96
C SER A 100 7.07 -5.36 -9.21
N TRP A 101 6.85 -6.66 -9.12
CA TRP A 101 5.66 -7.20 -8.46
C TRP A 101 5.88 -7.38 -6.97
N ALA A 102 4.82 -7.15 -6.19
CA ALA A 102 4.71 -7.66 -4.82
C ALA A 102 5.88 -7.27 -3.89
N PRO A 103 5.98 -5.97 -3.58
CA PRO A 103 7.13 -5.48 -2.82
C PRO A 103 7.19 -6.03 -1.40
N SER A 104 8.38 -6.05 -0.82
CA SER A 104 8.56 -6.25 0.60
C SER A 104 9.47 -5.13 1.04
N ILE A 105 9.46 -4.82 2.32
CA ILE A 105 10.18 -3.64 2.81
C ILE A 105 10.82 -4.04 4.13
N ALA A 106 12.02 -3.51 4.41
CA ALA A 106 12.68 -3.75 5.69
C ALA A 106 13.48 -2.50 6.06
N VAL A 107 13.69 -2.32 7.36
CA VAL A 107 14.59 -1.27 7.84
C VAL A 107 15.57 -1.93 8.80
N LYS A 108 16.83 -1.52 8.72
CA LYS A 108 17.86 -2.00 9.62
C LYS A 108 18.82 -0.87 9.88
N LYS A 109 19.27 -0.75 11.13
CA LYS A 109 20.29 0.23 11.47
C LYS A 109 21.64 -0.30 11.01
N ILE A 110 22.25 0.41 10.08
CA ILE A 110 23.55 0.05 9.54
C ILE A 110 24.54 1.20 9.75
N ASN A 111 25.67 0.89 10.38
CA ASN A 111 26.67 1.90 10.74
C ASN A 111 26.05 3.10 11.46
N GLY A 112 25.17 2.81 12.41
CA GLY A 112 24.50 3.86 13.18
C GLY A 112 23.34 4.59 12.51
N LYS A 113 23.05 4.26 11.25
CA LYS A 113 21.99 4.98 10.52
C LYS A 113 20.94 4.02 9.95
N ASP A 114 19.66 4.40 10.07
CA ASP A 114 18.58 3.54 9.56
C ASP A 114 18.64 3.46 8.06
N LYS A 115 18.66 2.25 7.50
CA LYS A 115 18.68 2.08 6.06
C LYS A 115 17.45 1.26 5.66
N PHE A 116 16.91 1.56 4.48
CA PHE A 116 15.65 0.92 4.03
C PHE A 116 15.88 0.11 2.79
N PHE A 117 15.21 -1.05 2.72
CA PHE A 117 15.46 -2.00 1.66
C PHE A 117 14.12 -2.39 1.06
N LEU A 118 13.97 -2.18 -0.23
CA LEU A 118 12.71 -2.48 -0.91
C LEU A 118 12.95 -3.67 -1.85
N TYR A 119 12.26 -4.78 -1.60
CA TYR A 119 12.44 -6.01 -2.40
C TYR A 119 11.26 -6.14 -3.35
N PHE A 120 11.50 -6.79 -4.48
CA PHE A 120 10.44 -6.92 -5.49
C PHE A 120 10.74 -8.08 -6.41
N ALA A 121 9.70 -8.57 -7.08
CA ALA A 121 9.85 -9.67 -8.03
C ALA A 121 9.81 -9.16 -9.45
N ASN A 122 10.79 -9.57 -10.24
CA ASN A 122 10.78 -9.23 -11.65
C ASN A 122 9.94 -10.31 -12.34
N SER A 123 8.61 -10.18 -12.25
CA SER A 123 7.68 -11.29 -12.55
C SER A 123 8.09 -12.56 -11.80
N GLY A 124 8.09 -13.71 -12.48
CA GLY A 124 8.31 -14.98 -11.77
C GLY A 124 9.71 -15.52 -11.87
N GLY A 125 10.66 -14.65 -12.20
CA GLY A 125 12.01 -15.07 -12.50
C GLY A 125 13.11 -14.72 -11.52
N GLY A 126 12.88 -13.73 -10.64
CA GLY A 126 13.94 -13.30 -9.73
C GLY A 126 13.52 -12.16 -8.82
N ILE A 127 14.25 -12.00 -7.73
CA ILE A 127 13.91 -10.97 -6.75
C ILE A 127 15.05 -9.97 -6.72
N GLY A 128 14.69 -8.68 -6.69
CA GLY A 128 15.66 -7.62 -6.57
C GLY A 128 15.48 -6.78 -5.31
N VAL A 129 16.40 -5.85 -5.09
CA VAL A 129 16.37 -5.00 -3.92
C VAL A 129 16.87 -3.60 -4.31
N LEU A 130 16.22 -2.59 -3.77
CA LEU A 130 16.68 -1.21 -3.87
C LEU A 130 16.93 -0.71 -2.46
N THR A 131 17.76 0.34 -2.30
CA THR A 131 18.09 0.84 -0.96
C THR A 131 17.84 2.33 -0.88
N ALA A 132 17.59 2.80 0.33
CA ALA A 132 17.38 4.24 0.55
C ALA A 132 17.65 4.63 1.99
N ASP A 133 17.81 5.94 2.21
CA ASP A 133 18.03 6.50 3.54
C ASP A 133 16.75 7.00 4.20
N SER A 134 15.61 6.87 3.50
CA SER A 134 14.30 7.19 4.09
C SER A 134 13.27 6.17 3.56
N PRO A 135 12.13 6.00 4.27
CA PRO A 135 11.13 5.04 3.78
C PRO A 135 10.56 5.36 2.39
N ILE A 136 10.70 6.59 1.92
CA ILE A 136 10.14 6.96 0.62
C ILE A 136 11.21 7.31 -0.42
N GLY A 137 12.47 6.97 -0.13
CA GLY A 137 13.53 7.18 -1.12
C GLY A 137 14.32 8.46 -0.87
N PRO A 138 15.08 8.93 -1.88
CA PRO A 138 15.24 8.32 -3.20
C PRO A 138 16.00 6.98 -3.17
N TRP A 139 15.80 6.18 -4.22
CA TRP A 139 16.20 4.76 -4.21
C TRP A 139 17.38 4.45 -5.12
N THR A 140 18.19 3.48 -4.71
CA THR A 140 19.39 3.08 -5.44
C THR A 140 19.32 1.57 -5.69
N ASP A 141 19.72 1.13 -6.87
CA ASP A 141 19.91 -0.31 -7.12
C ASP A 141 21.41 -0.60 -6.95
N PRO A 142 21.79 -1.20 -5.81
CA PRO A 142 23.23 -1.40 -5.52
C PRO A 142 23.84 -2.66 -6.13
N ILE A 143 23.02 -3.45 -6.84
CA ILE A 143 23.49 -4.69 -7.50
C ILE A 143 23.79 -4.54 -9.02
N GLY A 144 23.02 -3.88 -9.89
CA GLY A 144 21.77 -4.21 -10.42
C GLY A 144 21.82 -5.42 -11.36
N LYS A 145 21.61 -6.53 -10.68
CA LYS A 145 21.21 -7.77 -11.26
C LYS A 145 20.21 -8.17 -10.18
N PRO A 146 19.46 -9.25 -10.42
CA PRO A 146 18.66 -9.81 -9.32
C PRO A 146 19.49 -10.20 -8.10
N LEU A 147 18.88 -10.10 -6.92
CA LEU A 147 19.45 -10.61 -5.68
C LEU A 147 19.38 -12.14 -5.62
N VAL A 148 18.19 -12.67 -5.90
CA VAL A 148 17.93 -14.12 -5.88
C VAL A 148 17.39 -14.56 -7.24
N THR A 149 17.93 -15.65 -7.76
CA THR A 149 17.48 -16.26 -9.02
C THR A 149 17.33 -17.77 -8.80
N PRO A 150 16.85 -18.50 -9.83
CA PRO A 150 16.84 -19.96 -9.66
C PRO A 150 18.23 -20.59 -9.48
N SER A 151 19.29 -19.84 -9.75
CA SER A 151 20.66 -20.33 -9.52
C SER A 151 21.17 -20.12 -8.09
N THR A 152 20.44 -19.34 -7.29
CA THR A 152 20.79 -19.18 -5.88
C THR A 152 20.64 -20.54 -5.21
N PRO A 153 21.63 -20.94 -4.37
CA PRO A 153 21.62 -22.25 -3.69
C PRO A 153 20.33 -22.51 -2.93
N GLY A 154 19.70 -23.64 -3.23
CA GLY A 154 18.45 -24.06 -2.59
C GLY A 154 17.18 -23.61 -3.29
N MET A 155 17.29 -22.79 -4.34
CA MET A 155 16.13 -22.21 -5.04
C MET A 155 15.70 -22.92 -6.33
N SER A 156 16.37 -24.00 -6.71
CA SER A 156 16.13 -24.63 -8.03
C SER A 156 14.73 -25.20 -8.33
N GLY A 157 14.08 -25.80 -7.34
CA GLY A 157 12.76 -26.40 -7.53
C GLY A 157 11.58 -25.44 -7.37
N VAL A 158 11.86 -24.14 -7.32
CA VAL A 158 10.78 -23.16 -7.18
C VAL A 158 10.13 -22.95 -8.52
N VAL A 159 8.80 -23.05 -8.58
CA VAL A 159 8.05 -22.82 -9.79
C VAL A 159 7.95 -21.32 -10.11
N TRP A 160 7.43 -20.52 -9.18
CA TRP A 160 7.34 -19.07 -9.36
C TRP A 160 8.23 -18.42 -8.32
N LEU A 161 9.39 -17.90 -8.75
CA LEU A 161 10.30 -17.27 -7.80
C LEU A 161 9.94 -15.82 -7.56
N PHE A 162 8.91 -15.62 -6.73
CA PHE A 162 8.33 -14.30 -6.59
C PHE A 162 7.77 -14.05 -5.19
N ASP A 163 6.95 -13.01 -5.03
CA ASP A 163 6.33 -12.68 -3.76
C ASP A 163 7.30 -12.73 -2.56
N PRO A 164 8.32 -11.86 -2.55
CA PRO A 164 9.27 -11.86 -1.46
C PRO A 164 8.67 -11.34 -0.15
N ALA A 165 9.12 -11.87 0.98
CA ALA A 165 8.82 -11.25 2.27
C ALA A 165 10.13 -11.20 3.04
N VAL A 166 10.54 -10.00 3.45
CA VAL A 166 11.79 -9.85 4.20
C VAL A 166 11.50 -9.42 5.63
N PHE A 167 12.10 -10.14 6.57
CA PHE A 167 11.93 -9.96 7.99
C PHE A 167 13.31 -9.67 8.59
N VAL A 168 13.44 -8.62 9.41
CA VAL A 168 14.66 -8.42 10.20
C VAL A 168 14.36 -8.86 11.64
N ASP A 169 15.06 -9.88 12.12
CA ASP A 169 14.80 -10.46 13.42
C ASP A 169 15.32 -9.56 14.56
N ASP A 170 14.98 -9.90 15.79
CA ASP A 170 15.42 -9.09 16.93
C ASP A 170 16.94 -8.99 17.10
N ASP A 171 17.66 -10.02 16.66
CA ASP A 171 19.13 -10.02 16.73
C ASP A 171 19.74 -9.30 15.54
N GLY A 172 18.89 -8.75 14.66
CA GLY A 172 19.34 -7.98 13.48
C GLY A 172 19.57 -8.80 12.21
N THR A 173 19.38 -10.11 12.29
CA THR A 173 19.53 -10.99 11.10
C THR A 173 18.28 -10.89 10.24
N GLY A 174 18.49 -10.58 8.96
CA GLY A 174 17.41 -10.56 7.96
C GLY A 174 17.19 -11.92 7.33
N TYR A 175 15.94 -12.19 6.96
CA TYR A 175 15.53 -13.44 6.31
C TYR A 175 14.62 -13.09 5.16
N LEU A 176 14.82 -13.78 4.03
CA LEU A 176 14.00 -13.61 2.86
C LEU A 176 13.18 -14.88 2.61
N TYR A 177 11.87 -14.72 2.52
CA TYR A 177 10.93 -15.80 2.18
C TYR A 177 10.41 -15.52 0.78
N ALA A 178 10.26 -16.56 -0.04
CA ALA A 178 9.88 -16.35 -1.42
C ALA A 178 9.44 -17.63 -2.05
N GLY A 179 8.87 -17.52 -3.24
CA GLY A 179 8.52 -18.70 -4.02
C GLY A 179 7.01 -18.91 -4.10
N GLY A 180 6.65 -20.11 -4.53
CA GLY A 180 5.26 -20.43 -4.84
C GLY A 180 5.14 -21.08 -6.20
N GLY A 181 3.90 -21.17 -6.67
CA GLY A 181 3.58 -21.96 -7.85
C GLY A 181 3.44 -23.43 -7.47
N VAL A 182 2.86 -24.18 -8.40
CA VAL A 182 2.59 -25.61 -8.18
C VAL A 182 3.28 -26.39 -9.30
N PRO A 183 4.09 -27.42 -8.94
CA PRO A 183 4.77 -28.16 -10.00
C PRO A 183 3.79 -29.06 -10.76
N GLY A 184 4.15 -29.43 -11.99
CA GLY A 184 3.34 -30.35 -12.77
C GLY A 184 2.69 -29.64 -13.96
N VAL A 185 3.08 -28.39 -14.15
CA VAL A 185 2.69 -27.56 -15.30
C VAL A 185 1.17 -27.47 -15.44
N SER A 186 0.64 -27.96 -16.56
CA SER A 186 -0.77 -27.76 -16.90
C SER A 186 -1.70 -28.59 -16.04
N ASN A 187 -1.18 -29.70 -15.52
CA ASN A 187 -1.99 -30.60 -14.74
C ASN A 187 -1.21 -31.23 -13.58
N PRO A 188 -1.14 -30.53 -12.43
CA PRO A 188 -0.55 -31.15 -11.23
C PRO A 188 -1.39 -32.32 -10.71
N THR A 189 -0.73 -33.31 -10.13
CA THR A 189 -1.42 -34.39 -9.43
C THR A 189 -1.93 -33.84 -8.13
N GLN A 190 -2.88 -34.55 -7.52
CA GLN A 190 -3.39 -34.21 -6.21
C GLN A 190 -2.26 -33.93 -5.21
N GLY A 191 -1.24 -34.79 -5.20
CA GLY A 191 -0.12 -34.67 -4.26
C GLY A 191 0.74 -33.43 -4.51
N GLN A 192 0.87 -33.03 -5.78
CA GLN A 192 1.55 -31.79 -6.16
C GLN A 192 0.76 -30.56 -5.70
N TRP A 193 -0.56 -30.57 -5.84
CA TRP A 193 -1.37 -29.51 -5.24
C TRP A 193 -1.18 -29.46 -3.72
N ALA A 194 -1.18 -30.63 -3.05
CA ALA A 194 -1.11 -30.64 -1.59
C ALA A 194 0.27 -30.28 -1.02
N ASN A 195 1.36 -30.57 -1.74
CA ASN A 195 2.70 -30.26 -1.22
C ASN A 195 3.58 -29.81 -2.37
N PRO A 196 3.35 -28.58 -2.84
CA PRO A 196 4.12 -28.06 -3.97
C PRO A 196 5.62 -28.01 -3.68
N LYS A 197 5.98 -27.79 -2.40
CA LYS A 197 7.38 -27.60 -1.93
C LYS A 197 8.14 -26.51 -2.72
N THR A 198 7.44 -25.41 -2.98
CA THR A 198 7.98 -24.30 -3.76
C THR A 198 8.27 -23.06 -2.91
N ALA A 199 7.91 -23.11 -1.62
CA ALA A 199 8.23 -22.01 -0.69
C ALA A 199 9.65 -22.14 -0.15
N ARG A 200 10.32 -21.01 0.03
CA ARG A 200 11.73 -21.01 0.46
C ARG A 200 11.99 -19.94 1.49
N VAL A 201 12.97 -20.19 2.36
CA VAL A 201 13.55 -19.16 3.24
C VAL A 201 15.07 -19.18 3.10
N ILE A 202 15.68 -18.00 2.97
CA ILE A 202 17.15 -17.91 2.96
C ILE A 202 17.59 -16.77 3.89
N LYS A 203 18.69 -16.98 4.62
CA LYS A 203 19.26 -15.92 5.45
C LYS A 203 19.93 -14.85 4.57
N LEU A 204 19.75 -13.59 4.95
CA LEU A 204 20.39 -12.49 4.25
C LEU A 204 21.68 -12.17 4.97
N GLY A 205 22.64 -11.64 4.22
CA GLY A 205 23.86 -11.08 4.81
C GLY A 205 23.57 -9.84 5.64
N PRO A 206 24.55 -9.43 6.47
CA PRO A 206 24.39 -8.27 7.33
C PRO A 206 23.95 -7.01 6.58
N ASP A 207 24.43 -6.86 5.34
CA ASP A 207 24.12 -5.68 4.53
C ASP A 207 22.70 -5.69 3.92
N MET A 208 21.99 -6.83 4.04
CA MET A 208 20.60 -6.99 3.55
C MET A 208 20.53 -6.99 2.03
N THR A 209 21.68 -7.02 1.37
CA THR A 209 21.72 -7.00 -0.09
C THR A 209 22.56 -8.16 -0.64
N SER A 210 22.57 -9.27 0.10
CA SER A 210 23.28 -10.47 -0.24
C SER A 210 22.62 -11.59 0.54
N VAL A 211 22.89 -12.83 0.16
CA VAL A 211 22.35 -13.96 0.92
C VAL A 211 23.48 -14.78 1.54
N VAL A 212 23.17 -15.53 2.59
CA VAL A 212 24.17 -16.44 3.15
C VAL A 212 23.66 -17.87 3.17
N GLY A 213 24.56 -18.82 2.94
CA GLY A 213 24.23 -20.24 2.94
C GLY A 213 23.28 -20.59 1.81
N SER A 214 22.41 -21.56 2.05
CA SER A 214 21.48 -21.95 1.01
C SER A 214 20.05 -21.76 1.48
N ALA A 215 19.12 -21.75 0.55
CA ALA A 215 17.71 -21.65 0.92
C ALA A 215 17.21 -22.96 1.50
N SER A 216 16.26 -22.86 2.44
CA SER A 216 15.62 -24.05 2.98
CA SER A 216 15.59 -24.04 3.01
C SER A 216 14.17 -24.10 2.45
N THR A 217 13.68 -25.30 2.19
CA THR A 217 12.31 -25.45 1.73
C THR A 217 11.38 -25.36 2.92
N ILE A 218 10.30 -24.59 2.79
CA ILE A 218 9.21 -24.61 3.77
C ILE A 218 8.09 -25.42 3.13
N ASP A 219 7.76 -26.56 3.75
CA ASP A 219 6.73 -27.42 3.20
C ASP A 219 5.34 -26.93 3.60
N ALA A 220 4.89 -25.83 3.01
CA ALA A 220 3.59 -25.27 3.35
C ALA A 220 2.51 -26.07 2.64
N PRO A 221 1.56 -26.69 3.40
CA PRO A 221 0.54 -27.51 2.75
C PRO A 221 -0.28 -26.66 1.78
N PHE A 222 -0.47 -27.15 0.56
CA PHE A 222 -1.22 -26.41 -0.46
C PHE A 222 -0.69 -25.00 -0.75
N MET A 223 0.64 -24.84 -0.71
CA MET A 223 1.29 -23.56 -1.05
C MET A 223 0.81 -22.98 -2.41
N PHE A 224 0.65 -21.65 -2.48
CA PHE A 224 0.46 -21.01 -3.79
C PHE A 224 1.44 -19.82 -4.00
N GLU A 225 1.36 -18.83 -3.11
CA GLU A 225 2.11 -17.59 -3.28
C GLU A 225 2.02 -16.80 -1.97
N ASP A 226 2.43 -15.53 -2.01
CA ASP A 226 2.11 -14.59 -0.93
C ASP A 226 2.74 -14.96 0.42
N SER A 227 4.03 -15.29 0.41
CA SER A 227 4.79 -15.47 1.65
C SER A 227 4.63 -14.27 2.58
N GLY A 228 4.51 -14.56 3.87
CA GLY A 228 4.50 -13.52 4.89
C GLY A 228 5.19 -14.03 6.14
N LEU A 229 5.80 -13.12 6.91
CA LEU A 229 6.39 -13.53 8.19
C LEU A 229 6.09 -12.47 9.25
N HIS A 230 5.57 -12.91 10.38
CA HIS A 230 5.55 -12.05 11.56
C HIS A 230 5.96 -12.81 12.81
N LYS A 231 6.31 -12.06 13.87
CA LYS A 231 6.81 -12.69 15.07
C LYS A 231 5.96 -12.26 16.26
N TYR A 232 5.37 -13.24 16.95
CA TYR A 232 4.46 -12.95 18.03
C TYR A 232 4.85 -13.81 19.22
N ASN A 233 5.10 -13.16 20.36
CA ASN A 233 5.50 -13.84 21.59
C ASN A 233 6.62 -14.88 21.38
N GLY A 234 7.67 -14.49 20.66
CA GLY A 234 8.85 -15.33 20.47
C GLY A 234 8.70 -16.43 19.43
N THR A 235 7.53 -16.51 18.80
CA THR A 235 7.25 -17.55 17.80
C THR A 235 7.15 -16.92 16.43
N TYR A 236 7.71 -17.60 15.44
CA TYR A 236 7.73 -17.14 14.06
C TYR A 236 6.53 -17.71 13.32
N TYR A 237 5.78 -16.81 12.69
CA TYR A 237 4.57 -17.21 11.97
C TYR A 237 4.81 -17.02 10.49
N TYR A 238 4.93 -18.13 9.75
CA TYR A 238 4.99 -18.07 8.29
C TYR A 238 3.56 -18.18 7.72
N SER A 239 3.14 -17.16 6.98
CA SER A 239 1.82 -17.19 6.37
C SER A 239 1.91 -17.16 4.85
N TYR A 240 0.86 -17.63 4.17
CA TYR A 240 0.92 -17.74 2.72
C TYR A 240 -0.50 -17.93 2.19
N CYS A 241 -0.65 -17.75 0.89
CA CYS A 241 -1.95 -17.98 0.28
C CYS A 241 -2.03 -19.45 -0.11
N ILE A 242 -3.09 -20.12 0.33
CA ILE A 242 -3.38 -21.52 -0.05
C ILE A 242 -3.85 -21.57 -1.51
N ASN A 243 -3.40 -22.56 -2.27
CA ASN A 243 -3.78 -22.65 -3.69
C ASN A 243 -5.27 -23.00 -3.94
N PHE A 244 -5.65 -23.07 -5.21
CA PHE A 244 -7.06 -23.17 -5.61
C PHE A 244 -7.39 -24.52 -6.23
N GLY A 245 -6.39 -25.36 -6.41
CA GLY A 245 -6.57 -26.60 -7.15
C GLY A 245 -6.49 -27.87 -6.33
N GLY A 246 -6.95 -28.96 -6.92
CA GLY A 246 -7.03 -30.25 -6.22
C GLY A 246 -8.16 -30.25 -5.22
N THR A 247 -8.39 -31.39 -4.56
CA THR A 247 -9.30 -31.39 -3.43
C THR A 247 -8.56 -30.86 -2.23
N HIS A 248 -9.26 -30.11 -1.38
CA HIS A 248 -8.68 -29.56 -0.16
C HIS A 248 -9.42 -30.07 1.05
N PRO A 249 -8.72 -30.29 2.18
CA PRO A 249 -9.41 -30.61 3.45
C PRO A 249 -9.99 -29.36 4.06
N ALA A 250 -10.83 -29.55 5.08
CA ALA A 250 -11.50 -28.45 5.79
C ALA A 250 -10.52 -27.41 6.34
N ASP A 251 -9.36 -27.87 6.82
CA ASP A 251 -8.38 -26.97 7.45
C ASP A 251 -7.43 -26.23 6.50
N LYS A 252 -7.47 -26.53 5.19
CA LYS A 252 -6.69 -25.77 4.18
C LYS A 252 -7.61 -25.31 3.05
N PRO A 253 -8.54 -24.38 3.35
CA PRO A 253 -9.53 -23.97 2.35
C PRO A 253 -8.89 -23.21 1.20
N PRO A 254 -9.32 -23.49 -0.04
CA PRO A 254 -8.65 -22.92 -1.20
C PRO A 254 -8.69 -21.39 -1.22
N GLY A 255 -7.55 -20.76 -1.54
CA GLY A 255 -7.49 -19.30 -1.74
C GLY A 255 -7.55 -18.46 -0.49
N GLU A 256 -7.36 -19.12 0.66
CA GLU A 256 -7.33 -18.45 1.95
C GLU A 256 -5.89 -18.37 2.49
N ILE A 257 -5.68 -17.50 3.47
CA ILE A 257 -4.36 -17.29 4.04
C ILE A 257 -4.14 -18.32 5.15
N GLY A 258 -3.24 -19.26 4.92
CA GLY A 258 -2.86 -20.23 5.93
C GLY A 258 -1.64 -19.75 6.71
N TYR A 259 -1.36 -20.41 7.84
CA TYR A 259 -0.14 -20.08 8.60
C TYR A 259 0.44 -21.25 9.35
N MET A 260 1.74 -21.14 9.61
CA MET A 260 2.55 -22.16 10.27
C MET A 260 3.39 -21.47 11.32
N THR A 261 3.77 -22.18 12.37
CA THR A 261 4.64 -21.60 13.41
C THR A 261 5.96 -22.35 13.56
N SER A 262 7.00 -21.65 14.00
CA SER A 262 8.26 -22.29 14.38
C SER A 262 8.94 -21.47 15.48
N SER A 263 9.78 -22.14 16.26
CA SER A 263 10.60 -21.43 17.25
C SER A 263 11.84 -20.80 16.58
N SER A 264 12.05 -21.07 15.29
CA SER A 264 13.19 -20.52 14.55
C SER A 264 12.72 -19.93 13.23
N PRO A 265 13.37 -18.84 12.75
CA PRO A 265 12.91 -18.22 11.49
C PRO A 265 13.06 -19.13 10.26
N MET A 266 13.97 -20.08 10.31
CA MET A 266 14.10 -20.97 9.15
C MET A 266 13.44 -22.34 9.31
N GLY A 267 12.65 -22.49 10.37
CA GLY A 267 11.91 -23.71 10.60
C GLY A 267 12.60 -24.68 11.55
N PRO A 268 12.00 -25.86 11.76
CA PRO A 268 10.87 -26.38 11.01
C PRO A 268 9.54 -25.75 11.39
N PHE A 269 8.69 -25.50 10.39
CA PHE A 269 7.36 -24.93 10.59
C PHE A 269 6.28 -26.00 10.69
N THR A 270 5.28 -25.76 11.52
CA THR A 270 4.14 -26.66 11.66
C THR A 270 2.88 -25.90 11.27
N TYR A 271 2.09 -26.49 10.37
CA TYR A 271 0.83 -25.85 9.97
C TYR A 271 -0.12 -25.70 11.15
N ARG A 272 -0.73 -24.52 11.28
CA ARG A 272 -1.64 -24.25 12.39
C ARG A 272 -3.11 -24.00 11.98
N GLY A 273 -3.37 -23.46 10.77
CA GLY A 273 -4.74 -23.22 10.23
C GLY A 273 -4.59 -21.89 9.52
N HIS A 274 -5.59 -21.02 9.51
CA HIS A 274 -5.98 -20.19 8.34
C HIS A 274 -6.74 -19.03 8.98
N PHE A 275 -6.46 -17.79 8.57
CA PHE A 275 -7.06 -16.63 9.28
C PHE A 275 -7.66 -15.55 8.39
N LEU A 276 -7.58 -15.68 7.06
CA LEU A 276 -8.19 -14.68 6.19
C LEU A 276 -8.84 -15.35 4.99
N LYS A 277 -10.17 -15.29 4.91
CA LYS A 277 -10.87 -15.86 3.74
C LYS A 277 -10.49 -15.11 2.47
N ASN A 278 -10.85 -15.69 1.31
CA ASN A 278 -10.62 -15.03 0.05
C ASN A 278 -11.38 -13.70 0.02
N PRO A 279 -10.76 -12.63 -0.53
CA PRO A 279 -11.51 -11.36 -0.54
C PRO A 279 -12.88 -11.52 -1.18
N GLY A 280 -13.00 -12.43 -2.15
CA GLY A 280 -14.27 -12.70 -2.79
C GLY A 280 -15.36 -13.16 -1.84
N ALA A 281 -14.97 -13.77 -0.73
CA ALA A 281 -15.93 -14.22 0.29
C ALA A 281 -16.61 -13.03 0.98
N PHE A 282 -15.89 -11.92 1.12
CA PHE A 282 -16.41 -10.75 1.83
C PHE A 282 -17.04 -9.72 0.89
N PHE A 283 -16.43 -9.57 -0.28
CA PHE A 283 -16.71 -8.40 -1.13
C PHE A 283 -17.28 -8.82 -2.46
N GLY A 284 -17.45 -10.13 -2.62
CA GLY A 284 -18.12 -10.70 -3.78
C GLY A 284 -17.10 -11.14 -4.82
N GLY A 285 -17.47 -12.17 -5.58
CA GLY A 285 -16.61 -12.74 -6.61
C GLY A 285 -15.45 -13.51 -6.02
N GLY A 286 -14.25 -13.19 -6.49
CA GLY A 286 -13.02 -13.86 -6.03
C GLY A 286 -11.81 -13.41 -6.82
N GLY A 287 -10.63 -13.65 -6.27
CA GLY A 287 -9.41 -13.32 -6.96
C GLY A 287 -8.25 -13.77 -6.12
N ASN A 288 -7.06 -13.28 -6.43
CA ASN A 288 -5.93 -13.66 -5.63
C ASN A 288 -5.96 -12.92 -4.29
N ASN A 289 -5.24 -13.48 -3.34
CA ASN A 289 -5.26 -13.07 -1.95
C ASN A 289 -3.81 -12.74 -1.62
N HIS A 290 -3.55 -11.53 -1.13
CA HIS A 290 -2.17 -11.14 -0.80
C HIS A 290 -2.22 -10.33 0.45
N HIS A 291 -1.27 -10.52 1.36
CA HIS A 291 -1.44 -9.94 2.68
C HIS A 291 -0.09 -9.70 3.37
N ALA A 292 -0.12 -8.95 4.48
CA ALA A 292 1.04 -8.88 5.41
C ALA A 292 0.52 -8.55 6.79
N VAL A 293 1.05 -9.25 7.80
CA VAL A 293 0.67 -9.03 9.19
C VAL A 293 1.70 -8.11 9.82
N PHE A 294 1.24 -7.14 10.60
CA PHE A 294 2.17 -6.17 11.19
C PHE A 294 1.60 -5.62 12.49
N ASN A 295 2.49 -5.08 13.32
CA ASN A 295 2.07 -4.46 14.57
C ASN A 295 2.39 -2.97 14.48
N PHE A 296 1.38 -2.11 14.58
CA PHE A 296 1.53 -0.66 14.44
C PHE A 296 0.91 0.00 15.65
N LYS A 297 1.71 0.86 16.30
CA LYS A 297 1.25 1.53 17.50
C LYS A 297 0.57 0.52 18.43
N ASN A 298 1.26 -0.61 18.64
CA ASN A 298 0.90 -1.61 19.64
C ASN A 298 -0.32 -2.47 19.36
N GLU A 299 -0.82 -2.43 18.14
CA GLU A 299 -1.90 -3.30 17.76
C GLU A 299 -1.54 -4.13 16.55
N TRP A 300 -2.06 -5.36 16.51
CA TRP A 300 -1.87 -6.25 15.38
C TRP A 300 -2.93 -6.03 14.30
N TYR A 301 -2.46 -5.97 13.05
CA TYR A 301 -3.32 -5.79 11.87
C TYR A 301 -2.88 -6.71 10.76
N VAL A 302 -3.74 -6.83 9.75
CA VAL A 302 -3.35 -7.42 8.48
C VAL A 302 -3.75 -6.43 7.39
N VAL A 303 -2.81 -6.12 6.51
CA VAL A 303 -3.11 -5.45 5.24
C VAL A 303 -3.26 -6.51 4.14
N TYR A 304 -4.22 -6.29 3.24
CA TYR A 304 -4.58 -7.29 2.24
C TYR A 304 -5.20 -6.51 1.07
N HIS A 305 -5.49 -7.19 -0.04
CA HIS A 305 -6.16 -6.51 -1.13
C HIS A 305 -7.51 -7.12 -1.48
N ALA A 306 -8.32 -6.33 -2.17
CA ALA A 306 -9.64 -6.76 -2.61
C ALA A 306 -10.02 -5.92 -3.83
N GLN A 307 -11.00 -6.39 -4.60
CA GLN A 307 -11.34 -5.69 -5.85
C GLN A 307 -12.49 -4.70 -5.67
N THR A 308 -12.36 -3.87 -4.65
CA THR A 308 -13.49 -3.05 -4.19
C THR A 308 -13.64 -1.73 -4.95
N VAL A 309 -12.54 -1.19 -5.48
CA VAL A 309 -12.60 0.06 -6.25
C VAL A 309 -12.97 -0.23 -7.71
N SER A 310 -12.26 -1.16 -8.32
CA SER A 310 -12.58 -1.54 -9.70
C SER A 310 -14.04 -1.99 -9.84
N SER A 311 -14.51 -2.81 -8.89
CA SER A 311 -15.92 -3.27 -8.90
C SER A 311 -16.88 -2.09 -8.86
N ALA A 312 -16.62 -1.12 -7.98
CA ALA A 312 -17.48 0.06 -7.89
C ALA A 312 -17.52 0.88 -9.17
N LEU A 313 -16.40 0.97 -9.88
CA LEU A 313 -16.33 1.73 -11.13
C LEU A 313 -16.87 1.00 -12.36
N PHE A 314 -16.58 -0.30 -12.46
CA PHE A 314 -16.86 -1.07 -13.69
C PHE A 314 -17.96 -2.11 -13.59
N GLY A 315 -18.40 -2.44 -12.36
CA GLY A 315 -19.37 -3.52 -12.18
C GLY A 315 -18.75 -4.91 -12.25
N ALA A 316 -17.42 -4.95 -12.28
CA ALA A 316 -16.67 -6.21 -12.20
C ALA A 316 -15.26 -5.83 -11.72
N GLY A 317 -14.67 -6.69 -10.89
CA GLY A 317 -13.32 -6.41 -10.37
C GLY A 317 -12.24 -6.52 -11.43
N LYS A 318 -12.37 -7.54 -12.29
CA LYS A 318 -11.46 -7.77 -13.41
C LYS A 318 -9.99 -7.93 -12.99
N GLY A 319 -9.76 -8.31 -11.74
CA GLY A 319 -8.40 -8.50 -11.24
C GLY A 319 -7.67 -7.26 -10.80
N TYR A 320 -8.38 -6.12 -10.67
CA TYR A 320 -7.76 -4.86 -10.29
C TYR A 320 -8.01 -4.61 -8.81
N ARG A 321 -6.94 -4.36 -8.05
CA ARG A 321 -7.03 -4.53 -6.60
C ARG A 321 -6.70 -3.28 -5.80
N SER A 322 -7.18 -3.26 -4.56
CA SER A 322 -7.09 -2.11 -3.67
C SER A 322 -6.71 -2.57 -2.26
N PRO A 323 -5.99 -1.71 -1.50
CA PRO A 323 -5.59 -2.12 -0.14
C PRO A 323 -6.68 -1.95 0.92
N HIS A 324 -6.75 -2.88 1.86
CA HIS A 324 -7.64 -2.82 3.01
C HIS A 324 -6.79 -3.19 4.23
N ILE A 325 -7.20 -2.72 5.41
CA ILE A 325 -6.57 -3.16 6.66
C ILE A 325 -7.67 -3.52 7.63
N ASN A 326 -7.49 -4.64 8.33
CA ASN A 326 -8.36 -4.96 9.47
C ASN A 326 -7.53 -5.46 10.65
N LYS A 327 -8.11 -5.44 11.84
CA LYS A 327 -7.42 -5.95 13.02
C LYS A 327 -7.19 -7.45 12.92
N LEU A 328 -6.11 -7.92 13.54
CA LEU A 328 -5.82 -9.35 13.62
C LEU A 328 -5.63 -9.68 15.09
N VAL A 329 -6.19 -10.80 15.53
CA VAL A 329 -6.16 -11.20 16.93
C VAL A 329 -5.50 -12.57 17.16
N HIS A 330 -4.50 -12.60 18.05
CA HIS A 330 -3.87 -13.84 18.49
C HIS A 330 -4.57 -14.31 19.75
N ASN A 331 -4.89 -15.59 19.79
CA ASN A 331 -5.49 -16.23 20.96
C ASN A 331 -4.45 -16.59 22.02
N ALA A 332 -4.90 -16.92 23.24
CA ALA A 332 -3.98 -17.32 24.32
C ALA A 332 -3.07 -18.48 23.97
N ASP A 333 -3.55 -19.39 23.11
CA ASP A 333 -2.75 -20.54 22.72
C ASP A 333 -1.87 -20.24 21.51
N GLY A 334 -1.87 -18.98 21.08
CA GLY A 334 -1.04 -18.57 19.97
C GLY A 334 -1.64 -18.75 18.57
N SER A 335 -2.80 -19.40 18.47
CA SER A 335 -3.51 -19.45 17.19
C SER A 335 -4.07 -18.06 16.86
N ILE A 336 -4.48 -17.87 15.61
CA ILE A 336 -5.01 -16.58 15.14
C ILE A 336 -6.47 -16.72 14.76
N GLN A 337 -7.27 -15.75 15.19
CA GLN A 337 -8.71 -15.75 14.89
C GLN A 337 -8.94 -15.36 13.45
N GLU A 338 -10.03 -15.86 12.86
CA GLU A 338 -10.43 -15.40 11.54
C GLU A 338 -10.60 -13.88 11.53
N VAL A 339 -9.97 -13.24 10.55
CA VAL A 339 -10.06 -11.79 10.40
C VAL A 339 -11.43 -11.43 9.84
N ALA A 340 -12.08 -10.47 10.49
CA ALA A 340 -13.38 -9.97 10.04
C ALA A 340 -13.19 -8.86 9.02
N ALA A 341 -12.88 -9.24 7.78
CA ALA A 341 -12.63 -8.23 6.73
C ALA A 341 -13.92 -7.51 6.40
N ASN A 342 -13.86 -6.18 6.19
CA ASN A 342 -15.08 -5.40 5.97
C ASN A 342 -14.75 -4.04 5.36
N TYR A 343 -15.77 -3.23 5.15
CA TYR A 343 -15.57 -1.84 4.70
C TYR A 343 -15.30 -0.87 5.86
N ALA A 344 -15.93 -1.08 7.02
CA ALA A 344 -15.73 -0.18 8.17
C ALA A 344 -14.25 0.03 8.51
N GLY A 345 -13.48 -1.06 8.46
CA GLY A 345 -12.03 -1.04 8.73
C GLY A 345 -11.69 -0.56 10.12
N VAL A 346 -10.52 0.04 10.25
CA VAL A 346 -9.97 0.41 11.54
C VAL A 346 -10.39 1.82 11.92
N THR A 347 -10.96 1.95 13.11
CA THR A 347 -11.30 3.25 13.69
C THR A 347 -10.04 4.10 13.91
N GLN A 348 -10.15 5.40 13.63
CA GLN A 348 -9.02 6.30 13.67
C GLN A 348 -8.33 6.21 15.03
N ILE A 349 -7.01 6.04 15.04
CA ILE A 349 -6.35 5.78 16.33
C ILE A 349 -5.84 7.03 17.03
N SER A 350 -5.65 8.10 16.26
CA SER A 350 -5.19 9.36 16.81
C SER A 350 -5.67 10.52 15.95
N ASN A 351 -5.89 11.67 16.58
CA ASN A 351 -6.35 12.85 15.85
C ASN A 351 -5.27 13.43 14.94
N LEU A 352 -5.69 14.15 13.92
CA LEU A 352 -4.74 14.85 13.04
C LEU A 352 -4.52 16.29 13.54
N ASN A 353 -3.27 16.75 13.54
CA ASN A 353 -2.97 18.13 13.97
C ASN A 353 -2.95 19.05 12.75
N PRO A 354 -3.94 19.96 12.66
CA PRO A 354 -4.09 20.79 11.48
C PRO A 354 -3.17 22.03 11.48
N TYR A 355 -2.32 22.16 12.50
CA TYR A 355 -1.47 23.34 12.67
C TYR A 355 -0.06 23.15 12.12
N ASN A 356 0.24 21.93 11.69
CA ASN A 356 1.46 21.66 10.96
C ASN A 356 1.19 21.76 9.47
N ARG A 357 2.25 21.81 8.66
CA ARG A 357 2.03 21.66 7.24
C ARG A 357 1.47 20.25 7.03
N VAL A 358 0.33 20.16 6.34
CA VAL A 358 -0.30 18.88 6.00
C VAL A 358 -0.39 18.87 4.48
N GLU A 359 0.11 17.80 3.86
CA GLU A 359 0.05 17.70 2.41
C GLU A 359 -1.42 17.66 1.97
N ALA A 360 -1.74 18.31 0.86
CA ALA A 360 -3.08 18.22 0.28
C ALA A 360 -3.40 16.76 -0.06
N GLU A 361 -2.37 16.01 -0.46
CA GLU A 361 -2.48 14.56 -0.75
C GLU A 361 -2.50 13.68 0.52
N THR A 362 -2.67 14.30 1.68
CA THR A 362 -2.94 13.57 2.94
C THR A 362 -4.44 13.75 3.21
N PHE A 363 -5.21 12.69 2.94
CA PHE A 363 -6.67 12.76 3.11
C PHE A 363 -7.24 11.38 3.43
N ALA A 364 -8.43 11.40 4.03
CA ALA A 364 -9.13 10.19 4.41
C ALA A 364 -10.17 9.81 3.36
N TRP A 365 -10.86 10.80 2.80
CA TRP A 365 -11.91 10.56 1.80
C TRP A 365 -11.80 11.58 0.67
N ASN A 366 -12.31 11.24 -0.51
CA ASN A 366 -12.32 12.19 -1.60
C ASN A 366 -13.45 11.88 -2.57
N GLY A 367 -13.88 12.89 -3.30
CA GLY A 367 -14.80 12.67 -4.41
C GLY A 367 -14.70 13.81 -5.38
N ARG A 368 -14.14 13.63 -6.56
CA ARG A 368 -13.26 12.53 -6.95
C ARG A 368 -12.07 13.22 -7.61
N ILE A 369 -10.89 13.02 -7.05
CA ILE A 369 -9.68 13.70 -7.55
C ILE A 369 -8.57 12.69 -7.84
N LEU A 370 -7.44 13.19 -8.33
CA LEU A 370 -6.25 12.37 -8.56
C LEU A 370 -5.10 12.99 -7.82
N THR A 371 -4.03 12.21 -7.61
CA THR A 371 -2.77 12.75 -7.11
C THR A 371 -1.66 12.47 -8.11
N GLU A 372 -0.72 13.38 -8.23
CA GLU A 372 0.44 13.21 -9.09
C GLU A 372 1.63 13.98 -8.53
N LYS A 373 2.81 13.68 -9.04
CA LYS A 373 4.00 14.32 -8.55
C LYS A 373 4.10 15.76 -9.01
N SER A 374 4.63 16.68 -8.22
CA SER A 374 4.04 18.01 -8.01
C SER A 374 5.27 18.81 -8.49
N THR A 375 5.05 19.92 -9.19
CA THR A 375 6.14 20.84 -9.58
C THR A 375 6.41 21.90 -8.49
N ALA A 376 5.69 21.83 -7.38
CA ALA A 376 5.81 22.83 -6.31
C ALA A 376 7.22 22.86 -5.74
N PRO A 377 7.78 24.07 -5.56
CA PRO A 377 9.09 24.14 -4.89
C PRO A 377 9.03 23.54 -3.49
N GLY A 378 10.11 22.86 -3.10
CA GLY A 378 10.26 22.33 -1.76
C GLY A 378 9.38 21.11 -1.52
N GLY A 379 8.99 20.90 -0.27
CA GLY A 379 8.16 19.75 0.06
C GLY A 379 8.94 18.47 0.31
N PRO A 380 8.23 17.39 0.69
CA PRO A 380 8.87 16.14 1.04
C PRO A 380 9.39 15.40 -0.20
N VAL A 381 10.17 14.34 0.01
CA VAL A 381 10.62 13.52 -1.10
C VAL A 381 9.43 13.04 -1.92
N ASN A 382 9.55 13.13 -3.24
CA ASN A 382 8.50 12.75 -4.18
C ASN A 382 7.19 13.46 -3.91
N ASN A 383 7.29 14.70 -3.45
CA ASN A 383 6.11 15.51 -3.13
C ASN A 383 5.07 15.44 -4.24
N GLN A 384 3.83 15.23 -3.83
CA GLN A 384 2.71 15.13 -4.76
C GLN A 384 1.81 16.35 -4.64
N HIS A 385 0.82 16.44 -5.54
CA HIS A 385 -0.27 17.39 -5.34
C HIS A 385 -1.62 16.77 -5.71
N VAL A 386 -2.70 17.40 -5.26
CA VAL A 386 -4.05 17.01 -5.68
C VAL A 386 -4.35 17.74 -6.98
N THR A 387 -4.79 16.96 -7.97
CA THR A 387 -5.13 17.49 -9.29
C THR A 387 -6.41 16.82 -9.78
N SER A 388 -6.77 17.07 -11.04
CA SER A 388 -8.06 16.67 -11.59
C SER A 388 -9.22 17.20 -10.74
N ILE A 389 -9.10 18.47 -10.39
CA ILE A 389 -10.08 19.15 -9.56
C ILE A 389 -11.06 19.87 -10.49
N GLN A 390 -12.33 19.46 -10.41
CA GLN A 390 -13.43 20.13 -11.08
C GLN A 390 -14.43 20.64 -10.05
N ASN A 391 -15.35 21.50 -10.48
CA ASN A 391 -16.33 22.12 -9.59
C ASN A 391 -17.15 21.07 -8.83
N GLY A 392 -17.22 21.21 -7.52
CA GLY A 392 -17.95 20.21 -6.69
C GLY A 392 -17.16 19.00 -6.20
N ASP A 393 -15.92 18.85 -6.68
CA ASP A 393 -14.97 17.87 -6.12
C ASP A 393 -14.58 18.30 -4.71
N TRP A 394 -14.05 17.37 -3.92
CA TRP A 394 -13.69 17.67 -2.54
C TRP A 394 -12.71 16.60 -2.03
N ILE A 395 -11.97 16.95 -0.97
CA ILE A 395 -11.20 15.97 -0.20
C ILE A 395 -11.53 16.24 1.28
N ALA A 396 -11.29 15.26 2.14
CA ALA A 396 -11.56 15.40 3.57
C ALA A 396 -10.55 14.68 4.41
N VAL A 397 -10.29 15.23 5.60
CA VAL A 397 -9.52 14.56 6.63
C VAL A 397 -10.39 14.14 7.81
N GLY A 398 -10.00 13.05 8.45
CA GLY A 398 -10.68 12.54 9.62
C GLY A 398 -10.12 13.15 10.89
N ASN A 399 -11.03 13.57 11.76
CA ASN A 399 -10.69 13.98 13.13
C ASN A 399 -9.50 14.91 13.30
N ALA A 400 -9.58 16.07 12.63
CA ALA A 400 -8.57 17.12 12.89
C ALA A 400 -8.91 17.74 14.21
N ASP A 401 -7.91 17.95 15.06
CA ASP A 401 -8.16 18.53 16.38
C ASP A 401 -7.71 19.98 16.36
N PHE A 402 -8.70 20.86 16.32
CA PHE A 402 -8.43 22.30 16.31
C PHE A 402 -8.13 22.83 17.70
N GLY A 403 -8.41 22.02 18.72
CA GLY A 403 -8.18 22.41 20.10
C GLY A 403 -9.29 23.32 20.62
N ALA A 404 -9.24 23.66 21.90
CA ALA A 404 -10.26 24.50 22.54
C ALA A 404 -10.26 25.93 22.00
N GLY A 405 -9.07 26.44 21.71
CA GLY A 405 -8.89 27.81 21.21
C GLY A 405 -9.19 27.98 19.73
N GLY A 406 -9.08 26.91 18.96
CA GLY A 406 -9.47 26.96 17.55
C GLY A 406 -8.51 27.67 16.61
N ALA A 407 -8.89 27.73 15.34
CA ALA A 407 -8.00 28.21 14.30
C ALA A 407 -8.30 29.66 13.97
N ARG A 408 -7.22 30.38 13.68
CA ARG A 408 -7.25 31.77 13.24
C ARG A 408 -7.34 31.90 11.71
N SER A 409 -6.47 31.19 11.00
CA SER A 409 -6.44 31.31 9.55
C SER A 409 -6.11 29.97 8.88
N PHE A 410 -6.19 29.96 7.55
CA PHE A 410 -5.97 28.75 6.75
C PHE A 410 -5.13 29.16 5.55
N LYS A 411 -4.05 28.42 5.30
CA LYS A 411 -3.14 28.67 4.19
C LYS A 411 -3.12 27.47 3.24
N ALA A 412 -3.02 27.74 1.94
CA ALA A 412 -2.93 26.67 0.95
C ALA A 412 -1.93 27.04 -0.14
N ASN A 413 -1.11 26.08 -0.52
CA ASN A 413 -0.21 26.25 -1.65
C ASN A 413 -0.88 25.72 -2.90
N VAL A 414 -1.09 26.62 -3.88
CA VAL A 414 -1.91 26.32 -5.05
C VAL A 414 -1.29 26.89 -6.34
N ALA A 415 -1.64 26.28 -7.46
CA ALA A 415 -1.24 26.74 -8.79
C ALA A 415 -2.48 26.69 -9.66
N SER A 416 -2.76 27.78 -10.38
CA SER A 416 -3.99 27.86 -11.14
C SER A 416 -3.85 28.76 -12.36
N THR A 417 -4.47 28.36 -13.47
CA THR A 417 -4.53 29.17 -14.66
C THR A 417 -5.63 30.23 -14.52
N LEU A 418 -6.82 29.80 -14.09
CA LEU A 418 -7.99 30.68 -14.10
C LEU A 418 -8.55 31.00 -12.71
N GLY A 419 -8.14 30.24 -11.69
CA GLY A 419 -8.60 30.50 -10.33
C GLY A 419 -9.83 29.71 -9.94
N GLY A 420 -10.22 29.83 -8.68
CA GLY A 420 -11.36 29.09 -8.13
C GLY A 420 -11.44 29.35 -6.65
N LYS A 421 -12.12 28.47 -5.91
CA LYS A 421 -12.23 28.61 -4.47
C LYS A 421 -12.05 27.30 -3.73
N ILE A 422 -11.53 27.37 -2.51
CA ILE A 422 -11.57 26.23 -1.58
C ILE A 422 -12.41 26.60 -0.37
N GLU A 423 -13.55 25.95 -0.24
CA GLU A 423 -14.41 26.09 0.94
C GLU A 423 -13.95 25.12 2.00
N VAL A 424 -13.82 25.60 3.23
CA VAL A 424 -13.43 24.77 4.35
C VAL A 424 -14.65 24.54 5.23
N ARG A 425 -15.09 23.28 5.32
CA ARG A 425 -16.34 22.92 6.00
C ARG A 425 -16.08 21.83 7.02
N LEU A 426 -16.80 21.88 8.13
CA LEU A 426 -16.66 20.87 9.17
C LEU A 426 -17.71 19.79 9.00
N ASP A 427 -17.31 18.57 9.36
CA ASP A 427 -18.20 17.41 9.55
C ASP A 427 -18.75 16.74 8.30
N SER A 428 -19.06 17.54 7.28
CA SER A 428 -19.62 17.01 6.02
C SER A 428 -19.32 17.95 4.86
N ALA A 429 -19.46 17.46 3.63
CA ALA A 429 -19.17 18.26 2.45
C ALA A 429 -20.14 19.44 2.30
N ASP A 430 -21.27 19.41 3.01
CA ASP A 430 -22.17 20.56 3.07
C ASP A 430 -22.27 21.10 4.50
N GLY A 431 -21.21 20.88 5.29
CA GLY A 431 -21.24 21.19 6.72
C GLY A 431 -20.90 22.64 7.00
N LYS A 432 -20.70 22.96 8.28
CA LYS A 432 -20.43 24.34 8.70
C LYS A 432 -19.27 24.97 7.95
N LEU A 433 -19.53 26.07 7.25
CA LEU A 433 -18.50 26.76 6.48
C LEU A 433 -17.67 27.65 7.41
N VAL A 434 -16.41 27.28 7.65
CA VAL A 434 -15.56 28.06 8.56
C VAL A 434 -14.63 29.04 7.81
N GLY A 435 -14.55 28.90 6.50
CA GLY A 435 -13.76 29.81 5.70
C GLY A 435 -13.81 29.46 4.24
N THR A 436 -13.55 30.44 3.39
CA THR A 436 -13.34 30.15 1.98
C THR A 436 -12.14 30.88 1.42
N LEU A 437 -11.28 30.10 0.79
CA LEU A 437 -10.02 30.60 0.26
C LEU A 437 -10.21 30.87 -1.22
N ASN A 438 -9.96 32.10 -1.64
CA ASN A 438 -10.01 32.42 -3.06
C ASN A 438 -8.67 32.11 -3.71
N VAL A 439 -8.70 31.16 -4.65
CA VAL A 439 -7.51 30.78 -5.39
C VAL A 439 -7.43 31.73 -6.59
N PRO A 440 -6.37 32.56 -6.65
CA PRO A 440 -6.22 33.47 -7.79
C PRO A 440 -5.64 32.73 -8.98
N SER A 441 -5.66 33.38 -10.15
CA SER A 441 -4.84 32.94 -11.24
C SER A 441 -3.40 33.21 -10.82
N THR A 442 -2.55 32.19 -10.88
CA THR A 442 -1.18 32.29 -10.38
C THR A 442 -0.18 32.47 -11.50
N GLY A 443 -0.63 32.31 -12.73
CA GLY A 443 0.29 32.37 -13.86
C GLY A 443 0.31 31.08 -14.63
N GLY A 444 -0.14 29.99 -13.99
CA GLY A 444 -0.25 28.71 -14.64
C GLY A 444 -0.24 27.57 -13.65
N ALA A 445 -0.39 26.35 -14.17
CA ALA A 445 -0.50 25.14 -13.37
C ALA A 445 0.80 24.72 -12.68
N GLN A 446 1.91 25.37 -13.02
CA GLN A 446 3.19 25.07 -12.41
C GLN A 446 3.76 26.29 -11.68
N THR A 447 2.91 27.30 -11.49
CA THR A 447 3.32 28.52 -10.80
C THR A 447 2.58 28.62 -9.48
N TRP A 448 3.34 28.53 -8.40
CA TRP A 448 2.79 28.27 -7.08
C TRP A 448 2.72 29.49 -6.20
N ARG A 449 1.62 29.60 -5.45
CA ARG A 449 1.51 30.67 -4.47
C ARG A 449 0.87 30.14 -3.19
N GLU A 450 1.40 30.53 -2.04
CA GLU A 450 0.75 30.23 -0.78
C GLU A 450 -0.21 31.37 -0.45
N ILE A 451 -1.48 31.02 -0.28
CA ILE A 451 -2.56 31.99 -0.06
C ILE A 451 -3.07 31.79 1.36
N GLU A 452 -3.45 32.86 2.02
CA GLU A 452 -4.00 32.75 3.36
C GLU A 452 -5.39 33.40 3.41
N THR A 453 -6.27 32.85 4.23
CA THR A 453 -7.59 33.41 4.44
C THR A 453 -8.05 33.14 5.88
N ALA A 454 -9.02 33.92 6.35
CA ALA A 454 -9.55 33.79 7.72
C ALA A 454 -10.38 32.52 7.88
N VAL A 455 -10.35 31.95 9.08
CA VAL A 455 -11.31 30.93 9.48
C VAL A 455 -11.93 31.34 10.82
N SER A 456 -13.19 31.00 11.03
CA SER A 456 -13.79 31.19 12.34
C SER A 456 -14.80 30.09 12.60
N GLY A 457 -14.91 29.72 13.87
CA GLY A 457 -15.77 28.62 14.28
C GLY A 457 -15.13 27.25 14.13
N ALA A 458 -13.80 27.17 14.08
CA ALA A 458 -13.14 25.87 14.00
C ALA A 458 -12.42 25.53 15.31
N THR A 459 -13.17 24.88 16.21
CA THR A 459 -12.67 24.45 17.51
C THR A 459 -12.96 22.96 17.70
N GLY A 460 -12.09 22.28 18.42
CA GLY A 460 -12.33 20.88 18.78
C GLY A 460 -12.09 19.95 17.62
N VAL A 461 -12.63 18.73 17.73
CA VAL A 461 -12.35 17.63 16.80
C VAL A 461 -13.44 17.46 15.76
N HIS A 462 -13.07 17.54 14.48
CA HIS A 462 -14.00 17.43 13.35
C HIS A 462 -13.35 16.78 12.15
N LYS A 463 -14.14 16.09 11.34
CA LYS A 463 -13.70 15.80 9.96
C LYS A 463 -13.64 17.16 9.30
N VAL A 464 -12.74 17.36 8.34
CA VAL A 464 -12.67 18.64 7.65
C VAL A 464 -12.76 18.38 6.17
N PHE A 465 -13.66 19.11 5.51
CA PHE A 465 -13.83 18.99 4.07
C PHE A 465 -13.32 20.20 3.36
N PHE A 466 -12.52 19.97 2.31
CA PHE A 466 -12.06 21.02 1.43
C PHE A 466 -12.83 20.85 0.13
N VAL A 467 -13.76 21.77 -0.14
CA VAL A 467 -14.68 21.65 -1.28
C VAL A 467 -14.29 22.65 -2.37
N PHE A 468 -14.12 22.15 -3.59
CA PHE A 468 -13.52 22.93 -4.65
C PHE A 468 -14.57 23.45 -5.60
N THR A 469 -14.50 24.75 -5.91
CA THR A 469 -15.46 25.36 -6.82
C THR A 469 -14.78 26.31 -7.82
N GLY A 470 -15.44 26.52 -8.95
CA GLY A 470 -14.93 27.43 -9.96
C GLY A 470 -15.76 27.24 -11.21
N THR A 471 -15.48 28.05 -12.22
CA THR A 471 -16.18 27.91 -13.49
C THR A 471 -15.18 27.49 -14.54
N GLY A 472 -15.69 26.94 -15.64
CA GLY A 472 -14.84 26.43 -16.70
C GLY A 472 -14.29 25.04 -16.42
N THR A 473 -13.93 24.34 -17.50
CA THR A 473 -13.16 23.09 -17.43
C THR A 473 -11.76 23.37 -18.03
N GLY A 474 -10.76 22.55 -17.72
CA GLY A 474 -10.89 21.32 -16.96
C GLY A 474 -10.44 21.44 -15.53
N ASN A 475 -9.12 21.43 -15.32
CA ASN A 475 -8.57 21.40 -13.98
C ASN A 475 -8.58 22.81 -13.38
N LEU A 476 -9.30 23.01 -12.28
CA LEU A 476 -9.41 24.35 -11.68
C LEU A 476 -8.09 24.87 -11.09
N PHE A 477 -7.38 23.97 -10.42
CA PHE A 477 -6.13 24.31 -9.74
C PHE A 477 -5.48 23.04 -9.23
N ASN A 478 -4.17 23.13 -8.99
CA ASN A 478 -3.41 22.07 -8.34
C ASN A 478 -3.16 22.48 -6.89
N PHE A 479 -3.09 21.51 -5.99
CA PHE A 479 -3.16 21.81 -4.58
C PHE A 479 -2.25 20.97 -3.66
N ASP A 480 -1.28 21.55 -2.96
CA ASP A 480 0.09 20.99 -2.89
C ASP A 480 0.09 20.68 -1.35
N TYR A 481 -0.22 21.69 -0.53
CA TYR A 481 -0.32 21.52 0.94
C TYR A 481 -1.20 22.60 1.57
N TRP A 482 -1.55 22.39 2.83
CA TRP A 482 -2.27 23.39 3.58
C TRP A 482 -1.76 23.44 5.01
N GLN A 483 -2.18 24.48 5.73
CA GLN A 483 -1.79 24.62 7.13
C GLN A 483 -2.75 25.62 7.77
N PHE A 484 -3.32 25.28 8.92
CA PHE A 484 -4.08 26.24 9.71
C PHE A 484 -3.15 26.93 10.70
N THR A 485 -3.52 28.13 11.13
CA THR A 485 -2.81 28.79 12.23
C THR A 485 -3.69 28.82 13.47
N GLN A 486 -3.07 28.82 14.65
CA GLN A 486 -3.81 28.78 15.90
C GLN A 486 -4.25 30.18 16.35
N ARG A 487 -5.47 30.28 16.89
CA ARG A 487 -5.88 31.48 17.65
C ARG A 487 -4.99 31.69 18.87
C2 BGC B . -11.99 -17.16 -8.24
C3 BGC B . -10.53 -17.26 -8.71
C4 BGC B . -9.88 -18.66 -8.71
C5 BGC B . -10.90 -19.77 -8.71
C6 BGC B . -10.71 -20.96 -9.31
C1 BGC B . -12.84 -18.40 -8.52
O1 BGC B . -14.11 -18.26 -7.87
O2 BGC B . -12.59 -16.02 -8.89
O3 BGC B . -9.74 -16.39 -7.89
O4 BGC B . -8.99 -18.74 -9.83
O5 BGC B . -12.17 -19.56 -8.04
O6 BGC B . -9.57 -21.25 -9.96
C2 BGC B . -6.71 -19.06 -10.57
C3 BGC B . -5.24 -18.81 -10.23
C4 BGC B . -5.00 -17.33 -9.89
C5 BGC B . -6.06 -16.75 -8.95
C6 BGC B . -5.99 -15.22 -8.87
C1 BGC B . -7.62 -18.49 -9.49
O2 BGC B . -6.94 -20.46 -10.72
O3 BGC B . -4.43 -19.20 -11.35
O4 BGC B . -3.68 -17.15 -9.33
O5 BGC B . -7.38 -17.09 -9.39
O6 BGC B . -5.52 -14.62 -10.09
C2 BGC B . -1.55 -15.95 -9.57
C3 BGC B . -0.68 -15.24 -10.63
C4 BGC B . -1.14 -15.49 -12.09
C5 BGC B . -1.89 -16.83 -12.40
C6 BGC B . -1.18 -17.88 -13.24
C1 BGC B . -2.79 -16.51 -10.24
O2 BGC B . -1.93 -15.06 -8.52
O3 BGC B . 0.70 -15.56 -10.42
O4 BGC B . -0.27 -15.00 -13.16
O5 BGC B . -2.35 -17.46 -11.21
O6 BGC B . -2.06 -18.22 -14.31
C2 BGC B . 1.20 -15.75 -14.99
C3 BGC B . 2.59 -15.24 -15.42
C4 BGC B . 3.71 -15.39 -14.39
C5 BGC B . 3.25 -15.98 -13.05
C6 BGC B . 4.28 -15.77 -11.94
C1 BGC B . 0.91 -15.78 -13.47
O2 BGC B . 1.03 -17.06 -15.54
O3 BGC B . 2.49 -13.87 -15.85
O4 BGC B . 4.75 -16.22 -14.91
O5 BGC B . 2.02 -15.35 -12.67
O6 BGC B . 5.54 -16.33 -12.32
CA CA C . 2.17 17.98 -1.52
NA NA D . -12.17 15.42 -10.46
NA NA E . 3.93 -9.49 -0.20
C1 GOL F . 0.91 -9.72 -9.31
O1 GOL F . 0.01 -8.87 -8.58
C2 GOL F . 0.96 -10.85 -8.30
O2 GOL F . 0.05 -11.85 -8.69
C3 GOL F . 2.34 -11.35 -7.94
O3 GOL F . 2.22 -12.37 -6.93
C1 GOL G . 23.62 -16.97 -7.81
O1 GOL G . 24.06 -17.85 -6.76
C2 GOL G . 22.63 -15.92 -7.28
O2 GOL G . 22.69 -15.78 -5.84
C3 GOL G . 22.89 -14.58 -7.95
O3 GOL G . 22.23 -13.51 -7.23
C FMT H . -4.39 24.56 -13.31
O1 FMT H . -4.47 23.46 -13.92
O2 FMT H . -5.21 25.47 -13.57
C FMT I . 8.90 -27.05 7.36
O1 FMT I . 8.83 -27.40 6.15
O2 FMT I . 9.63 -26.08 7.70
C FMT J . 24.69 -16.18 -3.14
O1 FMT J . 24.55 -17.34 -3.59
O2 FMT J . 24.09 -15.26 -3.73
C FMT K . -11.44 -4.09 12.77
O1 FMT K . -10.68 -4.56 11.89
O2 FMT K . -11.14 -3.01 13.31
C FMT L . 7.09 -3.64 9.89
O1 FMT L . 7.99 -2.78 9.91
O2 FMT L . 6.28 -3.69 10.85
C FMT M . -9.62 -10.27 -20.81
O1 FMT M . -8.69 -10.04 -21.61
O2 FMT M . -10.50 -9.40 -20.59
C FMT N . 5.47 -6.30 13.21
O1 FMT N . 6.10 -7.19 12.61
O2 FMT N . 5.16 -5.26 12.59
C FMT O . 4.63 2.78 15.28
O1 FMT O . 4.39 1.64 15.74
O2 FMT O . 5.81 3.16 15.03
C FMT P . -3.61 20.13 17.75
O1 FMT P . -4.10 19.10 17.21
O2 FMT P . -4.06 20.54 18.84
C FMT Q . -2.97 -3.53 22.14
O1 FMT Q . -1.77 -3.92 22.16
O2 FMT Q . -3.42 -2.67 21.32
C FMT R . -19.04 -3.24 6.52
O1 FMT R . -18.54 -3.91 5.59
O2 FMT R . -18.25 -2.74 7.35
#